data_7BLM
#
_entry.id   7BLM
#
loop_
_entity.id
_entity.type
_entity.pdbx_description
1 polymer AGAG(CH+)C(CH+)
2 polymer AGAGC(CH+)C
#
loop_
_entity_poly.entity_id
_entity_poly.type
_entity_poly.pdbx_seq_one_letter_code
_entity_poly.pdbx_strand_id
1 'polydeoxyribonucleotide' (DA)(DG)(DA)(DG)(DNR)(DC)(DNR) A,B
2 'polydeoxyribonucleotide' (DA)(DG)(DA)(DG)(DC)(DNR)(DC) C,D
#
loop_
_chem_comp.id
_chem_comp.type
_chem_comp.name
_chem_comp.formula
DA DNA linking 2'-DEOXYADENOSINE-5'-MONOPHOSPHATE 'C10 H14 N5 O6 P'
DC DNA linking 2'-DEOXYCYTIDINE-5'-MONOPHOSPHATE 'C9 H14 N3 O7 P'
DG DNA linking 2'-DEOXYGUANOSINE-5'-MONOPHOSPHATE 'C10 H14 N5 O7 P'
DNR DNA linking '2'-DEOXY-N3-PROTONATED CYTIDINE-5'-MONOPHOSPHATE' 'C9 H15 N3 O7 P 1'
#
# COMPACT_ATOMS: atom_id res chain seq x y z
P DNR A 5 1.94 5.64 8.91
OP1 DNR A 5 3.24 5.53 9.67
OP2 DNR A 5 1.90 6.75 7.91
O5' DNR A 5 1.52 4.21 8.23
C5' DNR A 5 1.81 3.00 8.94
C4' DNR A 5 1.58 1.77 8.02
O4' DNR A 5 0.20 1.69 7.59
C1' DNR A 5 0.10 1.04 6.31
N1 DNR A 5 -0.90 1.76 5.48
C6 DNR A 5 -0.75 3.14 5.26
C2 DNR A 5 -1.91 1.06 4.80
O2 DNR A 5 -2.11 -0.13 4.95
N3 DNR A 5 -2.70 1.78 3.87
C4 DNR A 5 -2.53 3.07 3.62
N4 DNR A 5 -3.32 3.65 2.68
C5 DNR A 5 -1.54 3.86 4.30
C2' DNR A 5 1.51 1.02 5.72
C3' DNR A 5 2.40 1.80 6.72
O3' DNR A 5 3.64 1.12 6.95
H5' DNR A 5 1.18 2.93 9.84
H5'' DNR A 5 2.86 3.00 9.27
H4' DNR A 5 1.82 0.86 8.57
H1' DNR A 5 -0.21 0.00 6.48
H6 DNR A 5 0.03 3.63 5.87
HN3 DNR A 5 -3.43 1.35 3.30
H41 DNR A 5 -4.02 3.10 2.20
H42 DNR A 5 -3.23 4.64 2.49
H5 DNR A 5 -1.42 4.94 4.12
H2' DNR A 5 1.57 1.48 4.73
H2'' DNR A 5 1.86 -0.02 5.63
H3' DNR A 5 2.56 2.83 6.39
P DNR A 7 8.08 -2.57 2.86
OP1 DNR A 7 9.36 -3.08 3.45
OP2 DNR A 7 8.10 -1.11 2.54
O5' DNR A 7 7.67 -3.38 1.50
C5' DNR A 7 8.58 -4.32 0.92
C4' DNR A 7 7.86 -5.13 -0.17
O4' DNR A 7 7.16 -4.23 -1.08
C1' DNR A 7 7.45 -4.56 -2.45
N1 DNR A 7 7.19 -3.37 -3.31
C6 DNR A 7 7.94 -2.19 -3.11
C2 DNR A 7 6.20 -3.40 -4.30
O2 DNR A 7 5.47 -4.35 -4.51
N3 DNR A 7 6.03 -2.23 -5.10
C4 DNR A 7 6.78 -1.10 -4.92
N4 DNR A 7 6.52 -0.03 -5.71
C5 DNR A 7 7.78 -1.01 -3.91
C2' DNR A 7 8.89 -5.07 -2.35
C3' DNR A 7 8.88 -5.89 -1.05
O3' DNR A 7 8.43 -7.24 -1.32
H5' DNR A 7 8.96 -5.00 1.70
H5'' DNR A 7 9.45 -3.76 0.51
H4' DNR A 7 7.14 -5.81 0.30
H1' DNR A 7 6.80 -5.40 -2.74
H6 DNR A 7 8.64 -2.22 -2.27
HN3 DNR A 7 5.33 -2.15 -5.84
H41 DNR A 7 5.84 -0.05 -6.43
H42 DNR A 7 7.03 0.82 -5.60
H5 DNR A 7 8.35 -0.10 -3.75
H2' DNR A 7 9.61 -4.25 -2.24
H2'' DNR A 7 9.21 -5.67 -3.21
H3' DNR A 7 9.88 -5.92 -0.61
HO3' DNR A 7 8.69 -7.80 -0.56
P DNR B 5 4.64 6.48 -8.11
OP1 DNR B 5 3.41 7.09 -8.71
OP2 DNR B 5 5.87 7.35 -8.28
O5' DNR B 5 4.47 5.97 -6.56
C5' DNR B 5 3.16 5.82 -5.97
C4' DNR B 5 2.58 4.40 -6.15
O4' DNR B 5 3.47 3.40 -5.59
C1' DNR B 5 2.74 2.20 -5.25
N1 DNR B 5 3.43 1.41 -4.20
C6 DNR B 5 4.42 2.00 -3.37
C2 DNR B 5 3.08 0.06 -4.00
O2 DNR B 5 2.21 -0.49 -4.63
N3 DNR B 5 3.78 -0.66 -3.00
C4 DNR B 5 4.74 -0.11 -2.24
N4 DNR B 5 5.37 -0.89 -1.33
C5 DNR B 5 5.13 1.26 -2.37
C2' DNR B 5 1.34 2.70 -4.86
C3' DNR B 5 1.28 4.16 -5.34
O3' DNR B 5 0.13 4.32 -6.18
H5' DNR B 5 2.47 6.57 -6.40
H5'' DNR B 5 3.25 6.05 -4.90
H4' DNR B 5 2.42 4.18 -7.21
H1' DNR B 5 2.67 1.60 -6.16
H6 DNR B 5 4.63 3.05 -3.57
HN3 DNR B 5 3.59 -1.64 -2.77
H41 DNR B 5 5.11 -1.87 -1.23
H42 DNR B 5 6.12 -0.50 -0.76
H5 DNR B 5 5.90 1.71 -1.74
H2' DNR B 5 1.19 2.66 -3.78
H2'' DNR B 5 0.55 2.09 -5.33
H3' DNR B 5 1.23 4.81 -4.46
P DNR B 7 -5.54 7.05 -2.25
OP1 DNR B 7 -6.46 8.10 -2.81
OP2 DNR B 7 -4.27 7.61 -1.67
O5' DNR B 7 -6.28 6.10 -1.14
C5' DNR B 7 -7.70 6.20 -0.98
C4' DNR B 7 -8.24 4.91 -0.30
O4' DNR B 7 -7.32 4.47 0.75
C1' DNR B 7 -8.03 4.12 1.95
N1 DNR B 7 -7.13 4.20 3.12
C6 DNR B 7 -6.44 5.42 3.40
C2 DNR B 7 -6.87 3.08 3.90
O2 DNR B 7 -7.40 1.99 3.70
N3 DNR B 7 -5.94 3.20 4.97
C4 DNR B 7 -5.28 4.36 5.24
N4 DNR B 7 -4.37 4.35 6.24
C5 DNR B 7 -5.50 5.55 4.48
C2' DNR B 7 -9.23 5.10 1.91
C3' DNR B 7 -9.59 5.16 0.42
O3' DNR B 7 -10.54 4.13 0.11
H5' DNR B 7 -8.19 6.29 -1.97
H5'' DNR B 7 -7.94 7.10 -0.40
H4' DNR B 7 -8.32 4.11 -1.04
H1' DNR B 7 -8.43 3.11 1.81
H6 DNR B 7 -6.66 6.23 2.70
HN3 DNR B 7 -5.70 2.42 5.59
H41 DNR B 7 -4.19 3.55 6.81
H42 DNR B 7 -3.84 5.17 6.46
H5 DNR B 7 -4.97 6.48 4.69
H2' DNR B 7 -8.94 6.10 2.26
H2'' DNR B 7 -10.07 4.78 2.52
H3' DNR B 7 -10.02 6.15 0.17
HO3' DNR B 7 -10.97 4.36 -0.73
P DNR C 6 -8.00 1.88 -4.48
OP1 DNR C 6 -8.40 3.26 -4.92
OP2 DNR C 6 -8.83 0.81 -5.12
O5' DNR C 6 -6.40 1.62 -4.67
C5' DNR C 6 -5.97 0.49 -5.45
C4' DNR C 6 -4.43 0.56 -5.53
O4' DNR C 6 -3.84 -0.04 -4.36
C1' DNR C 6 -2.44 -0.26 -4.63
N1 DNR C 6 -1.93 -1.29 -3.70
C6 DNR C 6 -2.49 -2.59 -3.72
C2 DNR C 6 -0.89 -1.00 -2.82
O2 DNR C 6 -0.38 0.11 -2.73
N3 DNR C 6 -0.43 -2.05 -1.99
C4 DNR C 6 -0.93 -3.28 -2.01
N4 DNR C 6 -0.41 -4.22 -1.18
C5 DNR C 6 -2.00 -3.65 -2.89
C2' DNR C 6 -2.40 -0.62 -6.14
C3' DNR C 6 -3.76 -0.17 -6.71
O3' DNR C 6 -3.58 0.78 -7.78
H5' DNR C 6 -6.40 0.57 -6.46
H5'' DNR C 6 -6.30 -0.45 -5.00
H4' DNR C 6 -4.13 1.61 -5.59
H1' DNR C 6 -1.93 0.70 -4.49
H6 DNR C 6 -3.32 -2.72 -4.42
HN3 DNR C 6 0.34 -1.93 -1.31
H41 DNR C 6 0.35 -3.97 -0.55
H42 DNR C 6 -0.79 -5.15 -1.18
H5 DNR C 6 -2.42 -4.65 -2.89
H2' DNR C 6 -2.26 -1.69 -6.31
H2'' DNR C 6 -1.55 -0.10 -6.60
H3' DNR C 6 -4.37 -1.03 -7.03
P DNR D 6 4.26 -7.40 3.77
OP1 DNR D 6 5.56 -7.31 4.51
OP2 DNR D 6 3.56 -8.70 3.99
O5' DNR D 6 3.29 -6.12 4.11
C5' DNR D 6 1.97 -6.37 4.64
C4' DNR D 6 1.33 -5.00 4.95
O4' DNR D 6 0.81 -4.42 3.74
C1' DNR D 6 -0.07 -3.35 4.09
N1 DNR D 6 -0.97 -3.08 2.94
C6 DNR D 6 -1.81 -4.12 2.48
C2 DNR D 6 -0.99 -1.83 2.33
O2 DNR D 6 -0.27 -0.91 2.67
N3 DNR D 6 -1.92 -1.64 1.28
C4 DNR D 6 -2.75 -2.59 0.85
N4 DNR D 6 -3.62 -2.30 -0.14
C5 DNR D 6 -2.75 -3.92 1.41
C2' DNR D 6 -0.76 -3.84 5.39
C3' DNR D 6 0.10 -5.03 5.87
O3' DNR D 6 0.51 -4.84 7.24
H5' DNR D 6 2.07 -6.96 5.57
H5'' DNR D 6 1.37 -6.94 3.92
H4' DNR D 6 2.08 -4.33 5.39
H1' DNR D 6 0.55 -2.47 4.33
H6 DNR D 6 -1.69 -5.08 2.97
HN3 DNR D 6 -2.04 -0.74 0.79
H41 DNR D 6 -3.63 -1.38 -0.55
H42 DNR D 6 -4.25 -3.01 -0.49
H5 DNR D 6 -3.41 -4.70 1.05
H2' DNR D 6 -1.80 -4.15 5.23
H2'' DNR D 6 -0.77 -3.02 6.12
H3' DNR D 6 -0.44 -5.98 5.75
P DNR A 5 1.28 6.09 8.01
OP1 DNR A 5 2.76 6.23 8.21
OP2 DNR A 5 0.71 7.05 7.01
O5' DNR A 5 0.86 4.57 7.61
C5' DNR A 5 1.42 3.49 8.38
C4' DNR A 5 1.26 2.16 7.62
O4' DNR A 5 -0.11 1.96 7.19
C1' DNR A 5 -0.19 1.26 5.94
N1 DNR A 5 -1.13 1.96 5.04
C6 DNR A 5 -0.88 3.32 4.70
C2 DNR A 5 -2.17 1.27 4.42
O2 DNR A 5 -2.45 0.11 4.68
N3 DNR A 5 -2.91 1.96 3.43
C4 DNR A 5 -2.66 3.21 3.07
N4 DNR A 5 -3.43 3.77 2.10
C5 DNR A 5 -1.63 4.00 3.68
C2' DNR A 5 1.27 1.18 5.41
C3' DNR A 5 2.11 2.06 6.34
O3' DNR A 5 3.34 1.41 6.66
H5' DNR A 5 0.92 3.44 9.35
H5'' DNR A 5 2.49 3.66 8.56
H4' DNR A 5 1.54 1.34 8.28
H1' DNR A 5 -0.53 0.24 6.14
H6 DNR A 5 -0.09 3.80 5.28
HN3 DNR A 5 -3.68 1.52 2.89
H41 DNR A 5 -4.16 3.23 1.67
H42 DNR A 5 -3.29 4.73 1.82
H5 DNR A 5 -1.43 5.03 3.41
H2' DNR A 5 1.36 1.53 4.37
H2'' DNR A 5 1.61 0.13 5.44
H3' DNR A 5 2.27 3.06 5.91
P DNR A 7 8.00 -2.28 2.82
OP1 DNR A 7 9.28 -2.74 3.46
OP2 DNR A 7 7.97 -0.80 2.51
O5' DNR A 7 7.66 -3.10 1.44
C5' DNR A 7 8.35 -4.33 1.16
C4' DNR A 7 7.44 -5.24 0.31
O4' DNR A 7 6.80 -4.46 -0.74
C1' DNR A 7 6.99 -5.05 -2.04
N1 DNR A 7 6.88 -3.99 -3.08
C6 DNR A 7 7.77 -2.88 -3.03
C2 DNR A 7 5.87 -4.03 -4.05
O2 DNR A 7 5.06 -4.93 -4.13
N3 DNR A 7 5.79 -2.94 -4.95
C4 DNR A 7 6.64 -1.88 -4.92
N4 DNR A 7 6.45 -0.89 -5.82
C5 DNR A 7 7.69 -1.78 -3.95
C2' DNR A 7 8.33 -5.79 -1.88
C3' DNR A 7 8.28 -6.31 -0.44
O3' DNR A 7 7.64 -7.59 -0.38
H5' DNR A 7 8.59 -4.86 2.11
H5'' DNR A 7 9.29 -4.09 0.67
H4' DNR A 7 6.67 -5.69 0.94
H1' DNR A 7 6.20 -5.81 -2.18
H6 DNR A 7 8.50 -2.91 -2.22
HN3 DNR A 7 5.09 -2.89 -5.70
H41 DNR A 7 5.74 -0.92 -6.52
H42 DNR A 7 7.05 -0.10 -5.82
H5 DNR A 7 8.36 -0.92 -3.91
H2' DNR A 7 9.18 -5.11 -2.01
H2'' DNR A 7 8.45 -6.62 -2.60
H3' DNR A 7 9.29 -6.40 -0.03
HO3' DNR A 7 7.57 -7.86 0.56
P DNR B 5 4.10 6.34 -9.14
OP1 DNR B 5 2.76 6.75 -9.68
OP2 DNR B 5 5.10 7.46 -9.19
O5' DNR B 5 4.04 5.66 -7.64
C5' DNR B 5 2.78 5.50 -6.95
C4' DNR B 5 2.29 4.03 -6.99
O4' DNR B 5 3.22 3.14 -6.35
C1' DNR B 5 2.54 1.95 -5.91
N1 DNR B 5 3.27 1.18 -4.88
C6 DNR B 5 4.36 1.73 -4.18
C2 DNR B 5 2.81 -0.10 -4.54
O2 DNR B 5 1.86 -0.63 -5.09
N3 DNR B 5 3.48 -0.79 -3.50
C4 DNR B 5 4.51 -0.28 -2.83
N4 DNR B 5 5.09 -1.03 -1.86
C5 DNR B 5 5.04 1.03 -3.11
C2' DNR B 5 1.17 2.49 -5.43
C3' DNR B 5 0.98 3.80 -6.20
O3' DNR B 5 -0.12 3.60 -7.10
H5' DNR B 5 2.94 5.79 -5.90
H5'' DNR B 5 2.02 6.17 -7.35
H4' DNR B 5 2.15 3.73 -8.04
H1' DNR B 5 2.39 1.31 -6.79
H6 DNR B 5 4.67 2.73 -4.50
HN3 DNR B 5 3.20 -1.74 -3.18
H41 DNR B 5 4.73 -1.95 -1.66
H42 DNR B 5 5.88 -0.67 -1.35
H5 DNR B 5 5.87 1.45 -2.57
H2' DNR B 5 1.19 2.69 -4.36
H2'' DNR B 5 0.36 1.77 -5.63
H3' DNR B 5 0.78 4.62 -5.48
P DNR B 7 -5.35 6.62 -1.50
OP1 DNR B 7 -6.30 7.71 -1.91
OP2 DNR B 7 -4.10 7.15 -0.86
O5' DNR B 7 -6.07 5.62 -0.43
C5' DNR B 7 -7.36 5.05 -0.75
C4' DNR B 7 -8.13 4.74 0.55
O4' DNR B 7 -7.35 3.97 1.48
C1' DNR B 7 -7.82 4.15 2.83
N1 DNR B 7 -6.66 4.12 3.76
C6 DNR B 7 -5.83 5.27 3.87
C2 DNR B 7 -6.42 3.01 4.57
O2 DNR B 7 -7.06 1.97 4.50
N3 DNR B 7 -5.37 3.10 5.52
C4 DNR B 7 -4.61 4.23 5.65
N4 DNR B 7 -3.64 4.24 6.61
C5 DNR B 7 -4.78 5.38 4.84
C2' DNR B 7 -8.65 5.46 2.79
C3' DNR B 7 -8.50 6.01 1.36
O3' DNR B 7 -9.72 6.59 0.91
H5' DNR B 7 -7.22 4.14 -1.33
H5'' DNR B 7 -7.95 5.75 -1.37
H4' DNR B 7 -9.04 4.19 0.31
H1' DNR B 7 -8.51 3.32 3.05
H6 DNR B 7 -6.03 6.06 3.14
HN3 DNR B 7 -5.11 2.34 6.16
H41 DNR B 7 -3.47 3.47 7.22
H42 DNR B 7 -3.07 5.04 6.74
H5 DNR B 7 -4.14 6.26 4.94
H2' DNR B 7 -8.31 6.20 3.53
H2'' DNR B 7 -9.70 5.25 3.00
H3' DNR B 7 -7.69 6.74 1.32
HO3' DNR B 7 -9.52 7.13 0.11
P DNR C 6 -7.90 2.39 -4.26
OP1 DNR C 6 -8.03 3.86 -4.47
OP2 DNR C 6 -8.92 1.59 -5.02
O5' DNR C 6 -6.37 1.84 -4.53
C5' DNR C 6 -6.18 0.75 -5.45
C4' DNR C 6 -4.66 0.55 -5.66
O4' DNR C 6 -4.08 -0.07 -4.48
C1' DNR C 6 -2.80 -0.59 -4.83
N1 DNR C 6 -2.34 -1.55 -3.79
C6 DNR C 6 -2.98 -2.80 -3.64
C2 DNR C 6 -1.26 -1.22 -2.98
O2 DNR C 6 -0.68 -0.15 -3.03
N3 DNR C 6 -0.81 -2.20 -2.06
C4 DNR C 6 -1.36 -3.41 -1.95
N4 DNR C 6 -0.84 -4.29 -1.05
C5 DNR C 6 -2.50 -3.80 -2.73
C2' DNR C 6 -3.02 -1.16 -6.26
C3' DNR C 6 -4.26 -0.40 -6.80
O3' DNR C 6 -3.90 0.37 -7.97
H5' DNR C 6 -6.64 1.00 -6.41
H5'' DNR C 6 -6.65 -0.15 -5.06
H4' DNR C 6 -4.18 1.53 -5.82
H1' DNR C 6 -2.12 0.26 -4.92
H6 DNR C 6 -3.87 -2.94 -4.26
HN3 DNR C 6 0.00 -2.06 -1.44
H41 DNR C 6 -0.04 -4.02 -0.49
H42 DNR C 6 -1.25 -5.20 -0.94
H5 DNR C 6 -2.98 -4.77 -2.61
H2' DNR C 6 -3.23 -2.23 -6.26
H2'' DNR C 6 -2.12 -1.01 -6.85
H3' DNR C 6 -5.07 -1.09 -7.04
P DNR D 6 4.54 -7.35 3.10
OP1 DNR D 6 5.97 -7.07 3.44
OP2 DNR D 6 4.10 -8.73 3.46
O5' DNR D 6 3.50 -6.19 3.62
C5' DNR D 6 2.28 -6.58 4.28
C4' DNR D 6 1.55 -5.30 4.74
O4' DNR D 6 0.82 -4.72 3.64
C1' DNR D 6 -0.14 -3.81 4.17
N1 DNR D 6 -1.13 -3.46 3.12
C6 DNR D 6 -2.04 -4.44 2.64
C2 DNR D 6 -1.16 -2.17 2.58
O2 DNR D 6 -0.38 -1.30 2.90
N3 DNR D 6 -2.15 -1.90 1.61
C4 DNR D 6 -3.03 -2.79 1.17
N4 DNR D 6 -3.94 -2.43 0.24
C5 DNR D 6 -3.04 -4.15 1.66
C2' DNR D 6 -0.68 -4.52 5.43
C3' DNR D 6 0.48 -5.46 5.85
O3' DNR D 6 1.03 -5.03 7.12
H5' DNR D 6 2.54 -7.21 5.16
H5'' DNR D 6 1.65 -7.18 3.61
H4' DNR D 6 2.30 -4.57 5.09
H1' DNR D 6 0.41 -2.91 4.50
H6 DNR D 6 -1.89 -5.44 3.05
HN3 DNR D 6 -2.25 -0.97 1.15
H41 DNR D 6 -3.94 -1.48 -0.11
H42 DNR D 6 -4.60 -3.10 -0.12
H5 DNR D 6 -3.74 -4.89 1.28
H2' DNR D 6 -1.57 -5.12 5.24
H2'' DNR D 6 -0.93 -3.78 6.20
H3' DNR D 6 0.14 -6.50 5.93
P DNR A 5 1.79 5.12 8.49
OP1 DNR A 5 3.13 5.06 9.18
OP2 DNR A 5 1.75 6.10 7.34
O5' DNR A 5 1.25 3.66 8.01
C5' DNR A 5 1.53 2.52 8.84
C4' DNR A 5 1.31 1.22 8.03
O4' DNR A 5 -0.06 1.13 7.57
C1' DNR A 5 -0.14 0.39 6.34
N1 DNR A 5 -1.18 1.02 5.48
C6 DNR A 5 -1.09 2.40 5.20
C2 DNR A 5 -2.15 0.25 4.84
O2 DNR A 5 -2.30 -0.95 5.04
N3 DNR A 5 -2.99 0.89 3.90
C4 DNR A 5 -2.90 2.18 3.60
N4 DNR A 5 -3.71 2.68 2.65
C5 DNR A 5 -1.94 3.05 4.23
C2' DNR A 5 1.28 0.38 5.74
C3' DNR A 5 2.16 1.13 6.76
O3' DNR A 5 3.34 0.38 7.06
H5' DNR A 5 0.88 2.54 9.73
H5'' DNR A 5 2.57 2.55 9.19
H4' DNR A 5 1.52 0.35 8.67
H1' DNR A 5 -0.42 -0.64 6.59
H6 DNR A 5 -0.33 2.94 5.78
HN3 DNR A 5 -3.72 0.40 3.36
H41 DNR A 5 -4.39 2.08 2.20
H42 DNR A 5 -3.66 3.65 2.39
H5 DNR A 5 -1.87 4.11 4.02
H2' DNR A 5 1.33 0.87 4.76
H2'' DNR A 5 1.63 -0.65 5.62
H3' DNR A 5 2.41 2.14 6.39
P DNR A 7 7.95 -3.04 3.44
OP1 DNR A 7 8.97 -4.05 3.92
OP2 DNR A 7 7.99 -1.75 4.21
O5' DNR A 7 8.10 -2.75 1.83
C5' DNR A 7 8.66 -3.76 0.97
C4' DNR A 7 7.56 -4.69 0.43
O4' DNR A 7 6.76 -3.94 -0.53
C1' DNR A 7 6.75 -4.54 -1.83
N1 DNR A 7 6.74 -3.50 -2.90
C6 DNR A 7 7.55 -2.35 -2.76
C2 DNR A 7 5.87 -3.61 -4.00
O2 DNR A 7 5.20 -4.60 -4.18
N3 DNR A 7 5.77 -2.50 -4.89
C4 DNR A 7 6.52 -1.37 -4.71
N4 DNR A 7 6.29 -0.32 -5.54
C5 DNR A 7 7.47 -1.23 -3.65
C2' DNR A 7 7.97 -5.48 -1.83
C3' DNR A 7 8.14 -5.88 -0.36
O3' DNR A 7 7.42 -7.08 -0.10
H5' DNR A 7 9.43 -4.33 1.50
H5'' DNR A 7 9.18 -3.26 0.14
H4' DNR A 7 6.93 -5.06 1.26
H1' DNR A 7 5.84 -5.16 -1.90
H6 DNR A 7 8.22 -2.37 -1.90
HN3 DNR A 7 5.15 -2.48 -5.71
H41 DNR A 7 5.65 -0.36 -6.29
H42 DNR A 7 6.79 0.54 -5.41
H5 DNR A 7 8.06 -0.32 -3.52
H2' DNR A 7 8.86 -4.97 -2.21
H2'' DNR A 7 7.77 -6.35 -2.44
H3' DNR A 7 9.21 -6.04 -0.13
HO3' DNR A 7 7.96 -7.83 -0.39
P DNR B 5 4.63 6.76 -6.87
OP1 DNR B 5 3.57 7.54 -7.60
OP2 DNR B 5 5.82 7.61 -6.53
O5' DNR B 5 4.08 5.95 -5.56
C5' DNR B 5 2.66 5.73 -5.34
C4' DNR B 5 2.22 4.31 -5.78
O4' DNR B 5 3.12 3.30 -5.27
C1' DNR B 5 2.42 2.07 -5.00
N1 DNR B 5 3.14 1.20 -4.07
C6 DNR B 5 4.04 1.76 -3.13
C2 DNR B 5 2.84 -0.16 -4.02
O2 DNR B 5 2.04 -0.69 -4.78
N3 DNR B 5 3.48 -0.94 -3.02
C4 DNR B 5 4.34 -0.43 -2.14
N4 DNR B 5 4.90 -1.26 -1.23
C5 DNR B 5 4.70 0.96 -2.12
C2' DNR B 5 1.06 2.57 -4.48
C3' DNR B 5 0.83 3.90 -5.19
O3' DNR B 5 -0.09 3.64 -6.25
H5' DNR B 5 2.47 5.85 -4.26
H5'' DNR B 5 2.07 6.50 -5.84
H4' DNR B 5 2.19 4.26 -6.88
H1' DNR B 5 2.27 1.57 -5.97
H6 DNR B 5 4.23 2.83 -3.23
HN3 DNR B 5 3.29 -1.94 -2.89
H41 DNR B 5 4.67 -2.24 -1.23
H42 DNR B 5 5.56 -0.90 -0.56
H5 DNR B 5 5.40 1.38 -1.40
H2' DNR B 5 1.10 2.74 -3.39
H2'' DNR B 5 0.26 1.84 -4.67
H3' DNR B 5 0.43 4.63 -4.48
P DNR B 7 -5.73 6.33 -3.15
OP1 DNR B 7 -6.76 7.21 -3.78
OP2 DNR B 7 -4.40 6.99 -2.98
O5' DNR B 7 -6.22 5.72 -1.70
C5' DNR B 7 -7.62 5.68 -1.36
C4' DNR B 7 -7.98 4.25 -0.94
O4' DNR B 7 -7.17 3.86 0.21
C1' DNR B 7 -7.97 3.31 1.28
N1 DNR B 7 -7.29 3.52 2.59
C6 DNR B 7 -6.71 4.78 2.88
C2 DNR B 7 -7.13 2.45 3.47
O2 DNR B 7 -7.61 1.35 3.28
N3 DNR B 7 -6.35 2.67 4.63
C4 DNR B 7 -5.75 3.87 4.91
N4 DNR B 7 -4.93 3.92 6.00
C5 DNR B 7 -5.91 5.00 4.06
C2' DNR B 7 -9.33 4.01 1.08
C3' DNR B 7 -9.46 4.17 -0.44
O3' DNR B 7 -10.13 3.04 -0.99
H5' DNR B 7 -8.24 5.97 -2.23
H5'' DNR B 7 -7.82 6.40 -0.56
H4' DNR B 7 -7.83 3.55 -1.77
H1' DNR B 7 -8.10 2.25 1.06
H6 DNR B 7 -6.88 5.55 2.14
HN3 DNR B 7 -6.14 1.94 5.32
H41 DNR B 7 -4.81 3.15 6.62
H42 DNR B 7 -4.45 4.76 6.22
H5 DNR B 7 -5.43 5.96 4.28
H2' DNR B 7 -9.34 4.98 1.57
H2'' DNR B 7 -10.15 3.41 1.50
H3' DNR B 7 -10.02 5.08 -0.67
HO3' DNR B 7 -10.12 3.10 -1.98
P DNR C 6 -8.13 0.62 -4.49
OP1 DNR C 6 -8.53 2.02 -4.83
OP2 DNR C 6 -8.99 -0.41 -5.17
O5' DNR C 6 -6.54 0.36 -4.74
C5' DNR C 6 -6.11 -0.62 -5.71
C4' DNR C 6 -4.57 -0.52 -5.79
O4' DNR C 6 -3.98 -1.14 -4.63
C1' DNR C 6 -2.59 -1.35 -4.91
N1 DNR C 6 -2.05 -2.31 -3.93
C6 DNR C 6 -2.50 -3.65 -3.94
C2 DNR C 6 -1.12 -1.90 -2.96
O2 DNR C 6 -0.72 -0.75 -2.88
N3 DNR C 6 -0.64 -2.88 -2.06
C4 DNR C 6 -1.03 -4.17 -2.10
N4 DNR C 6 -0.49 -5.01 -1.19
C5 DNR C 6 -1.99 -4.65 -3.04
C2' DNR C 6 -2.55 -1.76 -6.39
C3' DNR C 6 -3.86 -1.20 -6.99
O3' DNR C 6 -3.58 -0.18 -7.97
H5' DNR C 6 -6.56 -0.38 -6.69
H5'' DNR C 6 -6.44 -1.62 -5.41
H4' DNR C 6 -4.29 0.53 -5.82
H1' DNR C 6 -2.09 -0.36 -4.82
H6 DNR C 6 -3.26 -3.87 -4.68
HN3 DNR C 6 0.06 -2.69 -1.34
H41 DNR C 6 0.18 -4.67 -0.52
H42 DNR C 6 -0.79 -5.98 -1.17
H5 DNR C 6 -2.33 -5.68 -3.06
H2' DNR C 6 -2.52 -2.85 -6.54
H2'' DNR C 6 -1.66 -1.34 -6.86
H3' DNR C 6 -4.48 -1.99 -7.43
P DNR D 6 3.74 -7.84 3.28
OP1 DNR D 6 5.05 -7.89 4.00
OP2 DNR D 6 2.97 -9.11 3.45
O5' DNR D 6 2.86 -6.53 3.76
C5' DNR D 6 1.70 -6.77 4.58
C4' DNR D 6 1.05 -5.40 4.92
O4' DNR D 6 0.50 -4.85 3.70
C1' DNR D 6 -0.51 -3.89 4.01
N1 DNR D 6 -1.35 -3.71 2.81
C6 DNR D 6 -2.07 -4.82 2.30
C2 DNR D 6 -1.42 -2.48 2.18
O2 DNR D 6 -0.77 -1.50 2.54
N3 DNR D 6 -2.28 -2.37 1.05
C4 DNR D 6 -3.00 -3.38 0.58
N4 DNR D 6 -3.82 -3.17 -0.47
C5 DNR D 6 -2.95 -4.70 1.16
C2' DNR D 6 -1.20 -4.49 5.26
C3' DNR D 6 -0.15 -5.45 5.88
O3' DNR D 6 0.24 -4.96 7.18
H5' DNR D 6 2.00 -7.28 5.50
H5'' DNR D 6 0.98 -7.40 4.05
H4' DNR D 6 1.82 -4.72 5.31
H1' DNR D 6 0.00 -2.97 4.31
H6 DNR D 6 -1.89 -5.77 2.81
HN3 DNR D 6 -2.42 -1.49 0.54
H41 DNR D 6 -3.86 -2.25 -0.89
H42 DNR D 6 -4.36 -3.93 -0.85
H5 DNR D 6 -3.51 -5.54 0.76
H2' DNR D 6 -2.11 -5.05 5.01
H2'' DNR D 6 -1.48 -3.68 5.95
H3' DNR D 6 -0.55 -6.47 5.95
P DNR A 5 2.03 5.13 9.40
OP1 DNR A 5 3.24 4.79 10.23
OP2 DNR A 5 2.23 6.31 8.51
O5' DNR A 5 1.48 3.82 8.58
C5' DNR A 5 1.67 2.51 9.16
C4' DNR A 5 1.42 1.39 8.11
O4' DNR A 5 0.03 1.35 7.68
C1' DNR A 5 -0.05 0.70 6.39
N1 DNR A 5 -1.14 1.29 5.58
C6 DNR A 5 -1.20 2.70 5.44
C2 DNR A 5 -1.96 0.48 4.78
O2 DNR A 5 -1.98 -0.74 4.86
N3 DNR A 5 -2.79 1.12 3.84
C4 DNR A 5 -2.82 2.44 3.65
N4 DNR A 5 -3.60 2.93 2.66
C5 DNR A 5 -2.04 3.34 4.45
C2' DNR A 5 1.35 0.83 5.76
C3' DNR A 5 2.23 1.53 6.82
O3' DNR A 5 3.50 0.87 6.97
H5' DNR A 5 1.00 2.39 10.02
H5'' DNR A 5 2.70 2.42 9.52
H4' DNR A 5 1.65 0.43 8.57
H1' DNR A 5 -0.24 -0.37 6.58
H6 DNR A 5 -0.56 3.26 6.12
HN3 DNR A 5 -3.41 0.62 3.19
H41 DNR A 5 -4.16 2.31 2.09
H42 DNR A 5 -3.64 3.93 2.49
H5 DNR A 5 -2.08 4.42 4.33
H2' DNR A 5 1.34 1.41 4.83
H2'' DNR A 5 1.76 -0.16 5.52
H3' DNR A 5 2.36 2.59 6.57
P DNR A 7 7.74 -2.19 1.53
OP1 DNR A 7 9.24 -2.24 1.71
OP2 DNR A 7 7.25 -0.97 0.80
O5' DNR A 7 7.28 -3.44 0.58
C5' DNR A 7 7.64 -4.79 0.92
C4' DNR A 7 7.94 -5.54 -0.40
O4' DNR A 7 6.99 -5.16 -1.43
C1' DNR A 7 7.58 -5.07 -2.72
N1 DNR A 7 7.22 -3.77 -3.35
C6 DNR A 7 7.97 -2.61 -3.07
C2 DNR A 7 6.20 -3.70 -4.31
O2 DNR A 7 5.47 -4.65 -4.58
N3 DNR A 7 6.02 -2.48 -5.00
C4 DNR A 7 6.78 -1.38 -4.78
N4 DNR A 7 6.52 -0.25 -5.49
C5 DNR A 7 7.81 -1.36 -3.78
C2' DNR A 7 9.09 -5.34 -2.49
C3' DNR A 7 9.32 -5.18 -0.98
O3' DNR A 7 10.34 -6.07 -0.52
H5' DNR A 7 6.80 -5.28 1.44
H5'' DNR A 7 8.50 -4.83 1.58
H4' DNR A 7 7.88 -6.62 -0.25
H1' DNR A 7 7.17 -5.91 -3.32
H6 DNR A 7 8.67 -2.68 -2.23
HN3 DNR A 7 5.30 -2.34 -5.73
H41 DNR A 7 5.83 -0.21 -6.20
H42 DNR A 7 7.05 0.57 -5.32
H5 DNR A 7 8.39 -0.47 -3.55
H2' DNR A 7 9.74 -4.68 -3.08
H2'' DNR A 7 9.34 -6.37 -2.78
H3' DNR A 7 9.59 -4.14 -0.75
HO3' DNR A 7 10.70 -5.71 0.31
P DNR B 5 4.81 6.37 -7.42
OP1 DNR B 5 3.80 7.44 -7.75
OP2 DNR B 5 6.03 6.94 -6.76
O5' DNR B 5 4.18 5.13 -6.56
C5' DNR B 5 2.84 5.24 -6.02
C4' DNR B 5 2.27 3.81 -5.90
O4' DNR B 5 3.20 2.91 -5.25
C1' DNR B 5 2.47 1.76 -4.78
N1 DNR B 5 3.27 0.96 -3.83
C6 DNR B 5 4.25 1.60 -3.02
C2 DNR B 5 3.05 -0.41 -3.70
O2 DNR B 5 2.20 -1.01 -4.35
N3 DNR B 5 3.85 -1.12 -2.77
C4 DNR B 5 4.80 -0.54 -2.03
N4 DNR B 5 5.56 -1.33 -1.24
C5 DNR B 5 5.07 0.87 -2.08
C2' DNR B 5 1.18 2.38 -4.23
C3' DNR B 5 0.98 3.66 -5.05
O3' DNR B 5 -0.15 3.46 -5.91
H5' DNR B 5 2.89 5.73 -5.04
H5'' DNR B 5 2.20 5.83 -6.66
H4' DNR B 5 2.09 3.43 -6.91
H1' DNR B 5 2.23 1.14 -5.66
H6 DNR B 5 4.36 2.67 -3.16
HN3 DNR B 5 3.75 -2.13 -2.59
H41 DNR B 5 5.38 -2.33 -1.20
H42 DNR B 5 6.32 -0.94 -0.70
H5 DNR B 5 5.85 1.33 -1.49
H2' DNR B 5 1.29 2.65 -3.18
H2'' DNR B 5 0.32 1.69 -4.32
H3' DNR B 5 0.82 4.51 -4.37
P DNR B 7 -6.52 6.01 -4.12
OP1 DNR B 7 -7.96 6.31 -4.44
OP2 DNR B 7 -5.55 6.78 -4.97
O5' DNR B 7 -6.21 6.22 -2.51
C5' DNR B 7 -7.30 6.24 -1.57
C4' DNR B 7 -7.68 4.79 -1.16
O4' DNR B 7 -6.83 4.41 -0.04
C1' DNR B 7 -7.58 3.71 0.97
N1 DNR B 7 -6.98 3.90 2.32
C6 DNR B 7 -6.46 5.16 2.67
C2 DNR B 7 -6.92 2.84 3.23
O2 DNR B 7 -7.40 1.73 2.99
N3 DNR B 7 -6.27 3.06 4.46
C4 DNR B 7 -5.73 4.27 4.80
N4 DNR B 7 -5.08 4.34 5.98
C5 DNR B 7 -5.79 5.40 3.94
C2' DNR B 7 -9.00 4.27 0.83
C3' DNR B 7 -9.14 4.64 -0.65
O3' DNR B 7 -9.83 3.62 -1.36
H5' DNR B 7 -8.17 6.77 -1.99
H5'' DNR B 7 -6.99 6.81 -0.68
H4' DNR B 7 -7.52 4.10 -2.00
H1' DNR B 7 -7.59 2.65 0.70
H6 DNR B 7 -6.56 5.94 1.92
HN3 DNR B 7 -6.14 2.34 5.18
H41 DNR B 7 -5.01 3.59 6.62
H42 DNR B 7 -4.65 5.21 6.27
H5 DNR B 7 -5.37 6.36 4.21
H2' DNR B 7 -9.14 5.15 1.46
H2'' DNR B 7 -9.75 3.51 1.11
H3' DNR B 7 -9.69 5.59 -0.74
HO3' DNR B 7 -9.96 3.91 -2.28
P DNR C 6 -7.65 -0.32 -5.08
OP1 DNR C 6 -7.06 0.74 -5.98
OP2 DNR C 6 -9.11 -0.54 -5.34
O5' DNR C 6 -6.80 -1.72 -5.12
C5' DNR C 6 -5.80 -1.94 -6.13
C4' DNR C 6 -4.51 -1.11 -5.89
O4' DNR C 6 -3.88 -1.52 -4.66
C1' DNR C 6 -2.47 -1.29 -4.72
N1 DNR C 6 -1.80 -2.25 -3.81
C6 DNR C 6 -2.16 -3.61 -3.86
C2 DNR C 6 -0.87 -1.80 -2.87
O2 DNR C 6 -0.52 -0.64 -2.79
N3 DNR C 6 -0.33 -2.77 -1.99
C4 DNR C 6 -0.68 -4.06 -2.02
N4 DNR C 6 -0.11 -4.91 -1.13
C5 DNR C 6 -1.62 -4.59 -2.97
C2' DNR C 6 -2.11 -1.44 -6.21
C3' DNR C 6 -3.44 -1.36 -6.96
O3' DNR C 6 -3.45 -0.25 -7.89
H5' DNR C 6 -6.22 -1.71 -7.12
H5'' DNR C 6 -5.55 -3.01 -6.13
H4' DNR C 6 -4.74 -0.04 -5.84
H1' DNR C 6 -2.28 -0.25 -4.43
H6 DNR C 6 -2.89 -3.86 -4.63
HN3 DNR C 6 0.37 -2.55 -1.27
H41 DNR C 6 0.55 -4.56 -0.44
H42 DNR C 6 -0.37 -5.89 -1.14
H5 DNR C 6 -1.89 -5.63 -2.99
H2' DNR C 6 -1.62 -2.40 -6.42
H2'' DNR C 6 -1.41 -0.65 -6.52
H3' DNR C 6 -3.65 -2.30 -7.49
P DNR D 6 4.41 -7.23 3.71
OP1 DNR D 6 5.56 -6.73 4.54
OP2 DNR D 6 3.93 -8.58 4.14
O5' DNR D 6 3.21 -6.11 3.71
C5' DNR D 6 1.91 -6.47 4.21
C4' DNR D 6 1.10 -5.17 4.47
O4' DNR D 6 0.61 -4.62 3.23
C1' DNR D 6 -0.39 -3.64 3.51
N1 DNR D 6 -1.28 -3.52 2.35
C6 DNR D 6 -2.01 -4.65 1.91
C2 DNR D 6 -1.47 -2.29 1.71
O2 DNR D 6 -0.86 -1.28 2.03
N3 DNR D 6 -2.40 -2.25 0.64
C4 DNR D 6 -3.10 -3.30 0.23
N4 DNR D 6 -3.96 -3.15 -0.80
C5 DNR D 6 -2.97 -4.59 0.84
C2' DNR D 6 -1.05 -4.13 4.81
C3' DNR D 6 -0.20 -5.33 5.27
O3' DNR D 6 0.05 -5.24 6.68
H5' DNR D 6 2.02 -7.02 5.15
H5'' DNR D 6 1.39 -7.13 3.49
H4' DNR D 6 1.75 -4.44 4.97
H1' DNR D 6 0.13 -2.68 3.73
H6 DNR D 6 -1.78 -5.58 2.45
HN3 DNR D 6 -2.60 -1.38 0.12
H41 DNR D 6 -4.07 -2.25 -1.24
H42 DNR D 6 -4.48 -3.94 -1.13
H5 DNR D 6 -3.53 -5.46 0.50
H2' DNR D 6 -2.10 -4.43 4.68
H2'' DNR D 6 -1.04 -3.32 5.55
H3' DNR D 6 -0.69 -6.28 5.02
#